data_2QP2
#
_entry.id   2QP2
#
_cell.length_a   97.439
_cell.length_b   154.507
_cell.length_c   43.917
_cell.angle_alpha   90.000
_cell.angle_beta   90.000
_cell.angle_gamma   90.000
#
_symmetry.space_group_name_H-M   'P 21 21 2'
#
loop_
_entity.id
_entity.type
_entity.pdbx_description
1 polymer 'Unknown protein'
2 non-polymer 'CALCIUM ION'
3 water water
#
_entity_poly.entity_id   1
_entity_poly.type   'polypeptide(L)'
_entity_poly.pdbx_seq_one_letter_code
;SMSNDKTGKSLEQENSERDVEIRDRNYFRKLSLFDDTVIAGAEMIGTSYDVFGKYCNVGSCMNSLFDERKINASEDNFKK
VTILGKTLKVPYYIDCYSVGDLKYTNASGESIESYQSNISSKSRIKGNYLFFSASLKVDFDTDSLTDFENAFSRIQYTYD
LYILKSSAEALKEFLKESVKTALDKADTEEDMNDLFNTWGSHFLSGVVMGGCAQYSSSTNKYTSNLTNSFDVVAAASFAG
FIGLSARTGNSFMEDIKKFRSASNIKTHAIGGDLSRFDPFGGATSADQPSAEEIAAAKKAFEDWKASVPNAPELVNFADS
NPLTGIWELCSDRTQKAKLKKHFETVWAPAESAKRRVHADYIDEIIIGINNTNTPPEGYIGLKSTKDENLNSKGNICLFM
HKAKYDPNIDNKDCITELKFITVRDKSPEGDWVKIPQDIYISPNQYLYLCYLPAKYSAEKAIKDIQLLCSSCGSSMILPY
GYNDVLDERGERANATEDDNVHYLIYSAGWK
;
_entity_poly.pdbx_strand_id   A
#
loop_
_chem_comp.id
_chem_comp.type
_chem_comp.name
_chem_comp.formula
CA non-polymer 'CALCIUM ION' 'Ca 2'
#
# COMPACT_ATOMS: atom_id res chain seq x y z
N LYS A 9 -18.13 7.52 4.30
CA LYS A 9 -16.76 8.03 3.97
C LYS A 9 -16.10 7.25 2.84
N SER A 10 -16.53 6.00 2.66
CA SER A 10 -16.01 5.14 1.58
C SER A 10 -16.60 5.53 0.24
N LEU A 11 -17.91 5.78 0.22
CA LEU A 11 -18.60 6.22 -0.99
C LEU A 11 -18.14 7.62 -1.42
N GLU A 12 -17.77 8.44 -0.43
CA GLU A 12 -17.21 9.77 -0.67
C GLU A 12 -15.85 9.68 -1.37
N GLN A 13 -15.00 8.78 -0.89
CA GLN A 13 -13.67 8.57 -1.49
C GLN A 13 -13.78 7.95 -2.88
N GLU A 14 -14.71 7.00 -3.02
CA GLU A 14 -15.03 6.37 -4.30
C GLU A 14 -15.42 7.41 -5.35
N ASN A 15 -16.39 8.26 -5.00
CA ASN A 15 -16.81 9.37 -5.84
C ASN A 15 -15.66 10.32 -6.14
N SER A 16 -14.85 10.61 -5.11
CA SER A 16 -13.71 11.50 -5.23
C SER A 16 -12.66 10.97 -6.22
N GLU A 17 -12.35 9.69 -6.11
CA GLU A 17 -11.38 9.05 -7.00
C GLU A 17 -11.87 9.03 -8.44
N ARG A 18 -13.14 8.67 -8.64
CA ARG A 18 -13.73 8.68 -9.99
C ARG A 18 -13.75 10.08 -10.60
N ASP A 19 -13.98 11.10 -9.75
CA ASP A 19 -13.96 12.49 -10.19
CA ASP A 19 -13.96 12.49 -10.20
C ASP A 19 -12.59 12.85 -10.77
N VAL A 20 -11.53 12.46 -10.06
CA VAL A 20 -10.15 12.67 -10.53
C VAL A 20 -9.89 11.91 -11.83
N GLU A 21 -10.21 10.63 -11.84
CA GLU A 21 -9.96 9.77 -13.00
C GLU A 21 -10.64 10.27 -14.28
N ILE A 22 -11.87 10.76 -14.16
CA ILE A 22 -12.61 11.31 -15.31
C ILE A 22 -12.14 12.70 -15.70
N ARG A 23 -12.08 13.61 -14.72
CA ARG A 23 -11.73 15.00 -14.99
C ARG A 23 -10.29 15.17 -15.49
N ASP A 24 -9.35 14.43 -14.90
CA ASP A 24 -7.95 14.47 -15.36
C ASP A 24 -7.73 13.77 -16.69
N ARG A 25 -8.51 12.71 -16.97
CA ARG A 25 -8.53 12.14 -18.31
C ARG A 25 -8.95 13.21 -19.31
N ASN A 26 -10.05 13.90 -19.03
CA ASN A 26 -10.53 14.97 -19.90
C ASN A 26 -9.49 16.10 -20.04
N TYR A 27 -8.84 16.46 -18.94
CA TYR A 27 -7.83 17.51 -18.92
C TYR A 27 -6.70 17.25 -19.90
N PHE A 28 -6.03 16.11 -19.78
CA PHE A 28 -4.89 15.80 -20.63
C PHE A 28 -5.28 15.60 -22.09
N ARG A 29 -6.46 15.03 -22.32
CA ARG A 29 -6.98 14.88 -23.68
C ARG A 29 -7.24 16.23 -24.33
N LYS A 30 -7.92 17.12 -23.60
CA LYS A 30 -8.22 18.46 -24.11
C LYS A 30 -6.94 19.23 -24.45
N LEU A 31 -5.96 19.17 -23.56
CA LEU A 31 -4.71 19.91 -23.73
C LEU A 31 -3.84 19.36 -24.87
N SER A 32 -3.99 18.08 -25.17
CA SER A 32 -3.23 17.43 -26.25
C SER A 32 -3.65 17.90 -27.63
N LEU A 33 -4.86 18.47 -27.70
CA LEU A 33 -5.53 18.90 -28.93
C LEU A 33 -5.80 17.78 -29.96
N PHE A 34 -5.60 16.52 -29.56
CA PHE A 34 -5.87 15.39 -30.46
C PHE A 34 -7.35 15.36 -30.85
N ASP A 35 -7.63 15.22 -32.15
CA ASP A 35 -9.02 15.13 -32.60
C ASP A 35 -9.63 13.76 -32.29
N ASP A 36 -10.94 13.63 -32.51
CA ASP A 36 -11.68 12.43 -32.11
C ASP A 36 -11.28 11.14 -32.84
N THR A 37 -10.55 11.26 -33.94
CA THR A 37 -10.08 10.09 -34.69
C THR A 37 -8.79 9.52 -34.10
N VAL A 38 -8.19 10.24 -33.16
CA VAL A 38 -6.97 9.78 -32.49
C VAL A 38 -7.34 8.81 -31.38
N ILE A 39 -6.70 7.64 -31.37
CA ILE A 39 -6.98 6.61 -30.38
C ILE A 39 -6.93 7.15 -28.94
N ALA A 40 -7.89 6.70 -28.12
CA ALA A 40 -7.94 7.08 -26.72
C ALA A 40 -6.63 6.71 -26.00
N GLY A 41 -6.14 7.63 -25.18
CA GLY A 41 -4.96 7.37 -24.37
C GLY A 41 -3.64 7.75 -25.02
N ALA A 42 -3.69 8.12 -26.31
CA ALA A 42 -2.48 8.50 -27.04
C ALA A 42 -1.68 9.56 -26.30
N GLU A 43 -2.39 10.51 -25.70
CA GLU A 43 -1.78 11.64 -25.00
C GLU A 43 -1.06 11.27 -23.69
N MET A 44 -1.27 10.04 -23.21
CA MET A 44 -0.58 9.54 -22.01
C MET A 44 0.91 9.28 -22.28
N ILE A 45 1.22 8.85 -23.50
CA ILE A 45 2.61 8.59 -23.88
C ILE A 45 3.39 9.91 -23.94
N GLY A 46 4.50 9.98 -23.23
CA GLY A 46 5.30 11.21 -23.17
C GLY A 46 4.75 12.21 -22.17
N THR A 47 3.80 11.78 -21.35
CA THR A 47 3.33 12.57 -20.23
C THR A 47 4.08 12.12 -18.98
N SER A 48 4.65 13.07 -18.26
CA SER A 48 5.41 12.76 -17.05
C SER A 48 4.50 12.28 -15.91
N TYR A 49 5.10 11.56 -14.96
CA TYR A 49 4.33 10.86 -13.93
C TYR A 49 4.99 11.04 -12.56
N ASP A 50 4.17 11.25 -11.53
CA ASP A 50 4.68 11.29 -10.16
C ASP A 50 4.88 9.86 -9.68
N VAL A 51 6.14 9.44 -9.66
CA VAL A 51 6.48 8.06 -9.32
C VAL A 51 6.17 7.71 -7.86
N PHE A 52 5.91 8.73 -7.04
CA PHE A 52 5.54 8.52 -5.64
C PHE A 52 4.03 8.69 -5.42
N GLY A 53 3.30 8.84 -6.52
CA GLY A 53 1.86 9.04 -6.47
C GLY A 53 1.07 7.75 -6.43
N LYS A 54 -0.04 7.71 -7.15
CA LYS A 54 -0.89 6.54 -7.19
C LYS A 54 -0.29 5.51 -8.14
N TYR A 55 -0.69 4.25 -7.97
CA TYR A 55 -0.33 3.23 -8.95
C TYR A 55 -1.10 3.51 -10.23
N CYS A 56 -0.38 3.57 -11.35
CA CYS A 56 -0.90 3.85 -12.70
C CYS A 56 -2.31 4.43 -12.75
N ASN A 57 -2.36 5.76 -12.62
CA ASN A 57 -3.62 6.48 -12.53
C ASN A 57 -3.38 7.85 -13.13
N VAL A 58 -4.29 8.29 -14.00
CA VAL A 58 -4.17 9.59 -14.68
C VAL A 58 -4.03 10.75 -13.67
N GLY A 59 -4.56 10.56 -12.46
CA GLY A 59 -4.48 11.55 -11.39
C GLY A 59 -3.05 11.87 -10.96
N SER A 60 -2.13 10.95 -11.20
CA SER A 60 -0.71 11.16 -10.84
C SER A 60 0.15 11.57 -12.03
N CYS A 61 -0.48 11.75 -13.19
CA CYS A 61 0.19 12.37 -14.32
C CYS A 61 0.53 13.82 -13.96
N MET A 62 1.62 14.32 -14.53
CA MET A 62 2.07 15.67 -14.23
C MET A 62 2.02 16.59 -15.46
N ASN A 63 2.96 16.42 -16.37
CA ASN A 63 3.10 17.31 -17.53
C ASN A 63 3.30 16.52 -18.80
N SER A 64 2.53 16.86 -19.84
CA SER A 64 2.78 16.33 -21.17
C SER A 64 4.04 16.99 -21.67
N LEU A 65 5.01 16.19 -22.11
CA LEU A 65 6.34 16.69 -22.47
C LEU A 65 6.46 16.94 -23.96
N PHE A 66 5.50 16.39 -24.72
CA PHE A 66 5.43 16.61 -26.16
C PHE A 66 4.79 17.95 -26.49
N ASP A 67 5.18 18.51 -27.64
CA ASP A 67 4.63 19.76 -28.14
C ASP A 67 3.39 19.44 -28.99
N GLU A 68 2.21 19.62 -28.40
CA GLU A 68 0.94 19.29 -29.05
C GLU A 68 0.75 20.02 -30.37
N ARG A 69 1.19 21.29 -30.42
CA ARG A 69 1.11 22.11 -31.63
C ARG A 69 1.92 21.51 -32.77
N LYS A 70 3.12 21.03 -32.47
CA LYS A 70 3.99 20.41 -33.47
C LYS A 70 3.41 19.11 -34.02
N ILE A 71 2.92 18.24 -33.13
CA ILE A 71 2.34 16.95 -33.55
C ILE A 71 1.11 17.18 -34.43
N ASN A 72 0.20 18.02 -33.96
CA ASN A 72 -1.07 18.28 -34.64
C ASN A 72 -0.97 19.19 -35.87
N ALA A 73 0.23 19.73 -36.13
CA ALA A 73 0.46 20.62 -37.27
C ALA A 73 0.34 19.93 -38.62
N SER A 74 0.55 18.61 -38.64
CA SER A 74 0.52 17.86 -39.89
C SER A 74 -0.10 16.48 -39.74
N GLU A 75 -0.93 16.11 -40.73
CA GLU A 75 -1.52 14.78 -40.81
C GLU A 75 -0.44 13.70 -41.02
N ASP A 76 0.72 14.12 -41.52
CA ASP A 76 1.86 13.23 -41.73
C ASP A 76 2.50 12.74 -40.42
N ASN A 77 2.15 13.40 -39.31
CA ASN A 77 2.65 13.00 -38.00
C ASN A 77 1.85 11.85 -37.38
N PHE A 78 0.86 11.36 -38.12
CA PHE A 78 -0.02 10.31 -37.64
C PHE A 78 -0.02 9.11 -38.59
N LYS A 79 -0.20 7.92 -38.03
CA LYS A 79 -0.34 6.70 -38.82
C LYS A 79 -1.67 6.02 -38.50
N LYS A 80 -2.15 5.18 -39.41
CA LYS A 80 -3.40 4.47 -39.21
C LYS A 80 -3.23 3.36 -38.17
N VAL A 81 -4.28 3.12 -37.39
CA VAL A 81 -4.32 1.97 -36.49
C VAL A 81 -5.74 1.41 -36.44
N THR A 82 -5.85 0.08 -36.45
CA THR A 82 -7.14 -0.58 -36.32
C THR A 82 -7.25 -1.34 -35.00
N ILE A 83 -8.23 -0.94 -34.19
CA ILE A 83 -8.54 -1.60 -32.93
C ILE A 83 -10.01 -1.97 -32.93
N LEU A 84 -10.30 -3.26 -32.73
CA LEU A 84 -11.67 -3.79 -32.64
C LEU A 84 -12.57 -3.33 -33.80
N GLY A 85 -12.01 -3.32 -35.01
CA GLY A 85 -12.76 -2.92 -36.20
C GLY A 85 -12.76 -1.43 -36.49
N LYS A 86 -12.42 -0.63 -35.48
CA LYS A 86 -12.38 0.83 -35.61
C LYS A 86 -11.08 1.27 -36.29
N THR A 87 -11.21 2.05 -37.35
CA THR A 87 -10.05 2.60 -38.06
C THR A 87 -9.72 3.99 -37.52
N LEU A 88 -8.69 4.06 -36.67
CA LEU A 88 -8.33 5.30 -36.00
C LEU A 88 -6.91 5.72 -36.39
N LYS A 89 -6.38 6.76 -35.74
CA LYS A 89 -5.01 7.16 -35.97
C LYS A 89 -4.23 7.39 -34.68
N VAL A 90 -2.91 7.44 -34.80
CA VAL A 90 -2.03 7.56 -33.63
C VAL A 90 -0.77 8.32 -34.05
N PRO A 91 -0.24 9.20 -33.18
CA PRO A 91 1.05 9.83 -33.49
C PRO A 91 2.08 8.76 -33.82
N TYR A 92 2.92 9.00 -34.82
CA TYR A 92 3.77 7.91 -35.33
C TYR A 92 4.88 7.44 -34.39
N TYR A 93 5.13 8.19 -33.32
CA TYR A 93 6.10 7.75 -32.31
C TYR A 93 5.57 6.66 -31.38
N ILE A 94 4.28 6.38 -31.45
CA ILE A 94 3.63 5.37 -30.62
C ILE A 94 3.43 4.07 -31.39
N ASP A 95 3.77 2.96 -30.75
CA ASP A 95 3.40 1.63 -31.25
C ASP A 95 2.18 1.13 -30.48
N CYS A 96 1.15 0.72 -31.22
CA CYS A 96 -0.08 0.21 -30.64
CA CYS A 96 -0.10 0.21 -30.65
C CYS A 96 -0.22 -1.29 -30.87
N TYR A 97 -0.58 -2.02 -29.82
CA TYR A 97 -0.75 -3.46 -29.88
C TYR A 97 -2.11 -3.84 -29.30
N SER A 98 -2.95 -4.47 -30.12
CA SER A 98 -4.21 -5.05 -29.65
C SER A 98 -3.91 -6.29 -28.83
N VAL A 99 -4.57 -6.43 -27.69
CA VAL A 99 -4.39 -7.61 -26.86
CA VAL A 99 -4.38 -7.59 -26.81
C VAL A 99 -5.72 -8.29 -26.54
N GLY A 100 -6.61 -7.60 -25.82
CA GLY A 100 -7.94 -8.13 -25.50
C GLY A 100 -7.94 -9.35 -24.60
N ASP A 101 -7.20 -9.30 -23.49
CA ASP A 101 -7.12 -10.39 -22.53
CA ASP A 101 -7.16 -10.39 -22.53
C ASP A 101 -7.22 -9.87 -21.11
N LEU A 102 -7.60 -10.76 -20.18
CA LEU A 102 -7.65 -10.41 -18.76
C LEU A 102 -6.39 -10.89 -18.06
N LYS A 103 -5.79 -10.02 -17.25
CA LYS A 103 -4.53 -10.33 -16.58
C LYS A 103 -4.49 -9.75 -15.17
N TYR A 104 -3.92 -10.52 -14.23
CA TYR A 104 -3.71 -10.05 -12.88
C TYR A 104 -2.41 -9.27 -12.73
N THR A 105 -2.48 -8.18 -11.98
CA THR A 105 -1.30 -7.50 -11.44
C THR A 105 -1.53 -7.37 -9.94
N ASN A 106 -0.84 -8.21 -9.17
CA ASN A 106 -1.06 -8.29 -7.74
C ASN A 106 0.17 -7.84 -6.96
N ALA A 107 -0.07 -7.14 -5.86
CA ALA A 107 0.98 -6.72 -4.94
C ALA A 107 0.61 -7.18 -3.55
N SER A 108 1.61 -7.58 -2.76
CA SER A 108 1.36 -8.05 -1.41
C SER A 108 2.59 -7.93 -0.52
N GLY A 109 2.35 -7.93 0.79
CA GLY A 109 3.42 -7.97 1.78
C GLY A 109 2.85 -8.34 3.14
N GLU A 110 3.60 -9.16 3.88
CA GLU A 110 3.20 -9.57 5.23
C GLU A 110 3.36 -8.45 6.26
N SER A 111 4.02 -7.36 5.86
CA SER A 111 4.10 -6.16 6.67
C SER A 111 3.97 -4.96 5.75
N ILE A 112 3.79 -3.77 6.32
CA ILE A 112 3.67 -2.56 5.50
C ILE A 112 4.96 -2.27 4.74
N GLU A 113 6.11 -2.58 5.35
CA GLU A 113 7.42 -2.38 4.72
C GLU A 113 7.60 -3.27 3.49
N SER A 114 7.28 -4.56 3.66
CA SER A 114 7.39 -5.50 2.55
CA SER A 114 7.36 -5.53 2.57
C SER A 114 6.37 -5.19 1.45
N TYR A 115 5.18 -4.74 1.84
CA TYR A 115 4.18 -4.34 0.84
C TYR A 115 4.65 -3.12 0.03
N GLN A 116 5.12 -2.10 0.72
CA GLN A 116 5.63 -0.90 0.05
C GLN A 116 6.73 -1.23 -0.96
N SER A 117 7.64 -2.13 -0.60
CA SER A 117 8.71 -2.55 -1.52
C SER A 117 8.16 -3.32 -2.73
N ASN A 118 7.15 -4.14 -2.48
CA ASN A 118 6.57 -4.98 -3.53
C ASN A 118 5.82 -4.16 -4.59
N ILE A 119 4.93 -3.26 -4.17
CA ILE A 119 4.25 -2.38 -5.13
CA ILE A 119 4.23 -2.37 -5.11
C ILE A 119 5.24 -1.48 -5.88
N SER A 120 6.25 -1.00 -5.17
CA SER A 120 7.28 -0.15 -5.77
C SER A 120 8.01 -0.89 -6.90
N SER A 121 8.28 -2.17 -6.71
CA SER A 121 8.98 -2.97 -7.72
C SER A 121 8.26 -3.03 -9.07
N LYS A 122 6.94 -2.82 -9.04
CA LYS A 122 6.12 -2.84 -10.27
C LYS A 122 6.45 -1.70 -11.25
N SER A 123 7.18 -0.70 -10.77
CA SER A 123 7.63 0.42 -11.59
C SER A 123 8.66 -0.01 -12.63
N ARG A 124 9.34 -1.12 -12.35
CA ARG A 124 10.48 -1.61 -13.14
C ARG A 124 11.61 -0.58 -13.23
N ILE A 125 11.67 0.31 -12.24
CA ILE A 125 12.78 1.24 -12.05
C ILE A 125 13.73 0.61 -11.03
N LYS A 126 14.98 0.37 -11.43
CA LYS A 126 15.94 -0.33 -10.58
C LYS A 126 16.24 0.40 -9.29
N GLY A 127 16.31 -0.35 -8.19
CA GLY A 127 16.64 0.21 -6.88
C GLY A 127 15.65 -0.16 -5.80
N ASN A 128 15.99 0.17 -4.56
CA ASN A 128 15.11 -0.09 -3.43
C ASN A 128 14.44 1.20 -2.97
N TYR A 129 13.29 1.48 -3.59
CA TYR A 129 12.57 2.73 -3.36
C TYR A 129 11.15 2.46 -2.88
N LEU A 130 10.39 3.53 -2.64
CA LEU A 130 8.99 3.40 -2.20
C LEU A 130 8.06 4.11 -3.17
N PHE A 131 8.15 3.72 -4.44
CA PHE A 131 7.29 4.26 -5.48
C PHE A 131 5.83 3.89 -5.25
N PHE A 132 4.93 4.75 -5.72
CA PHE A 132 3.47 4.56 -5.65
C PHE A 132 2.91 4.58 -4.23
N SER A 133 3.58 5.31 -3.33
CA SER A 133 3.16 5.36 -1.92
C SER A 133 1.83 6.07 -1.64
N ALA A 134 1.40 6.97 -2.53
CA ALA A 134 0.09 7.61 -2.37
C ALA A 134 -1.08 6.64 -2.57
N SER A 135 -0.80 5.49 -3.20
CA SER A 135 -1.85 4.49 -3.37
CA SER A 135 -1.82 4.45 -3.39
C SER A 135 -2.24 3.81 -2.06
N LEU A 136 -1.38 3.92 -1.04
CA LEU A 136 -1.67 3.30 0.27
C LEU A 136 -3.01 3.76 0.87
N LYS A 137 -3.24 5.07 0.86
CA LYS A 137 -4.47 5.64 1.44
C LYS A 137 -5.69 5.42 0.55
N VAL A 138 -5.46 5.16 -0.73
CA VAL A 138 -6.53 4.80 -1.67
C VAL A 138 -6.97 3.34 -1.46
N ASP A 139 -5.98 2.45 -1.27
CA ASP A 139 -6.25 1.02 -1.25
C ASP A 139 -6.60 0.48 0.13
N PHE A 140 -6.10 1.13 1.17
CA PHE A 140 -6.30 0.66 2.54
C PHE A 140 -6.83 1.77 3.45
N ASP A 141 -7.46 1.36 4.55
CA ASP A 141 -7.82 2.26 5.64
C ASP A 141 -6.53 2.86 6.22
N THR A 142 -6.51 4.17 6.44
CA THR A 142 -5.32 4.87 6.91
CA THR A 142 -5.31 4.86 6.91
C THR A 142 -4.78 4.30 8.22
N ASP A 143 -5.68 4.05 9.18
CA ASP A 143 -5.28 3.50 10.48
C ASP A 143 -4.69 2.10 10.36
N SER A 144 -5.15 1.32 9.37
CA SER A 144 -4.68 -0.05 9.17
C SER A 144 -3.22 -0.09 8.74
N LEU A 145 -2.76 0.99 8.09
CA LEU A 145 -1.38 1.04 7.58
C LEU A 145 -0.33 0.93 8.70
N THR A 146 -0.67 1.43 9.88
CA THR A 146 0.26 1.47 11.01
C THR A 146 -0.09 0.52 12.18
N ASP A 147 -1.00 -0.41 11.91
N ASP A 147 -1.01 -0.41 11.92
CA ASP A 147 -1.32 -1.48 12.87
CA ASP A 147 -1.32 -1.49 12.85
C ASP A 147 -0.45 -2.69 12.56
C ASP A 147 -0.40 -2.66 12.54
N PHE A 148 0.38 -3.08 13.52
CA PHE A 148 1.40 -4.12 13.32
C PHE A 148 0.88 -5.51 12.95
N GLU A 149 -0.39 -5.78 13.26
CA GLU A 149 -0.93 -7.11 13.01
C GLU A 149 -1.41 -7.35 11.58
N ASN A 150 -1.32 -6.32 10.73
CA ASN A 150 -1.82 -6.42 9.36
C ASN A 150 -0.83 -6.89 8.29
N ALA A 151 -1.32 -7.75 7.41
CA ALA A 151 -0.70 -8.03 6.11
C ALA A 151 -1.50 -7.30 5.04
N PHE A 152 -0.88 -6.98 3.91
CA PHE A 152 -1.51 -6.12 2.91
C PHE A 152 -1.50 -6.76 1.54
N SER A 153 -2.61 -6.59 0.81
CA SER A 153 -2.73 -7.18 -0.52
CA SER A 153 -2.74 -7.20 -0.52
C SER A 153 -3.56 -6.29 -1.44
N ARG A 154 -3.10 -6.17 -2.68
CA ARG A 154 -3.76 -5.35 -3.69
C ARG A 154 -3.91 -6.20 -4.94
N ILE A 155 -5.14 -6.66 -5.20
CA ILE A 155 -5.43 -7.47 -6.37
C ILE A 155 -5.99 -6.58 -7.47
N GLN A 156 -5.38 -6.61 -8.64
CA GLN A 156 -5.94 -5.92 -9.81
C GLN A 156 -6.14 -6.87 -10.97
N TYR A 157 -7.38 -6.94 -11.44
CA TYR A 157 -7.75 -7.76 -12.58
C TYR A 157 -8.01 -6.80 -13.73
N THR A 158 -7.13 -6.84 -14.73
CA THR A 158 -7.15 -5.85 -15.80
C THR A 158 -7.61 -6.44 -17.11
N TYR A 159 -8.59 -5.79 -17.74
CA TYR A 159 -8.94 -6.09 -19.12
C TYR A 159 -8.03 -5.25 -20.00
N ASP A 160 -6.96 -5.88 -20.50
CA ASP A 160 -6.01 -5.22 -21.39
C ASP A 160 -6.61 -5.16 -22.79
N LEU A 161 -7.16 -4.02 -23.19
CA LEU A 161 -7.72 -3.88 -24.52
CA LEU A 161 -7.71 -3.87 -24.53
C LEU A 161 -6.60 -3.68 -25.55
N TYR A 162 -5.75 -2.69 -25.30
CA TYR A 162 -4.59 -2.42 -26.16
C TYR A 162 -3.48 -1.79 -25.35
N ILE A 163 -2.27 -1.87 -25.88
CA ILE A 163 -1.08 -1.33 -25.22
C ILE A 163 -0.47 -0.26 -26.12
N LEU A 164 -0.06 0.85 -25.50
CA LEU A 164 0.60 1.92 -26.21
C LEU A 164 2.02 2.02 -25.68
N LYS A 165 2.98 2.04 -26.59
CA LYS A 165 4.39 2.10 -26.22
C LYS A 165 5.15 3.10 -27.07
N SER A 166 6.15 3.74 -26.47
CA SER A 166 7.06 4.58 -27.20
C SER A 166 8.45 4.53 -26.56
N SER A 167 9.35 5.37 -27.06
CA SER A 167 10.70 5.45 -26.54
C SER A 167 11.11 6.91 -26.44
N ALA A 168 12.15 7.17 -25.64
CA ALA A 168 12.70 8.52 -25.52
C ALA A 168 13.17 9.04 -26.88
N GLU A 169 13.84 8.17 -27.65
CA GLU A 169 14.37 8.53 -28.96
C GLU A 169 13.28 9.01 -29.93
N ALA A 170 12.16 8.28 -29.96
CA ALA A 170 11.05 8.60 -30.84
C ALA A 170 10.33 9.90 -30.47
N LEU A 171 10.27 10.18 -29.16
CA LEU A 171 9.62 11.39 -28.64
C LEU A 171 10.47 12.66 -28.79
N LYS A 172 11.78 12.49 -28.89
CA LYS A 172 12.72 13.62 -28.96
C LYS A 172 12.35 14.70 -29.98
N GLU A 173 11.96 14.29 -31.18
CA GLU A 173 11.64 15.26 -32.24
C GLU A 173 10.36 16.06 -31.98
N PHE A 174 9.53 15.63 -31.03
CA PHE A 174 8.31 16.34 -30.70
C PHE A 174 8.31 16.96 -29.29
N LEU A 175 9.49 16.97 -28.67
CA LEU A 175 9.67 17.47 -27.31
C LEU A 175 9.44 18.98 -27.22
N LYS A 176 8.74 19.42 -26.17
CA LYS A 176 8.58 20.84 -25.89
C LYS A 176 9.95 21.50 -25.73
N GLU A 177 10.10 22.70 -26.26
CA GLU A 177 11.35 23.45 -26.13
C GLU A 177 11.63 23.76 -24.66
N SER A 178 10.59 24.03 -23.89
CA SER A 178 10.72 24.32 -22.45
C SER A 178 11.31 23.12 -21.70
N VAL A 179 10.98 21.92 -22.14
CA VAL A 179 11.48 20.70 -21.53
C VAL A 179 12.96 20.47 -21.88
N LYS A 180 13.30 20.63 -23.16
CA LYS A 180 14.69 20.52 -23.63
C LYS A 180 15.60 21.48 -22.86
N THR A 181 15.13 22.72 -22.72
CA THR A 181 15.88 23.77 -22.03
C THR A 181 16.13 23.38 -20.57
N ALA A 182 15.07 22.98 -19.88
CA ALA A 182 15.15 22.58 -18.47
C ALA A 182 16.14 21.45 -18.25
N LEU A 183 16.09 20.43 -19.12
CA LEU A 183 17.01 19.30 -19.04
C LEU A 183 18.46 19.74 -19.26
N ASP A 184 18.68 20.55 -20.28
CA ASP A 184 20.03 20.98 -20.65
C ASP A 184 20.64 21.95 -19.63
N LYS A 185 19.80 22.76 -19.00
CA LYS A 185 20.28 23.81 -18.11
C LYS A 185 20.39 23.41 -16.63
N ALA A 186 19.83 22.27 -16.26
CA ALA A 186 19.88 21.81 -14.87
C ALA A 186 21.33 21.49 -14.45
N ASP A 187 21.92 22.38 -13.65
CA ASP A 187 23.32 22.30 -13.28
C ASP A 187 23.55 21.86 -11.82
N THR A 188 23.10 22.67 -10.87
CA THR A 188 23.30 22.39 -9.45
C THR A 188 22.37 21.29 -8.95
N GLU A 189 22.63 20.81 -7.73
CA GLU A 189 21.76 19.84 -7.08
C GLU A 189 20.35 20.40 -6.90
N GLU A 190 20.24 21.69 -6.61
CA GLU A 190 18.95 22.34 -6.47
C GLU A 190 18.20 22.47 -7.80
N ASP A 191 18.92 22.78 -8.87
CA ASP A 191 18.35 22.76 -10.23
C ASP A 191 17.74 21.39 -10.55
N MET A 192 18.48 20.33 -10.24
CA MET A 192 18.06 18.97 -10.57
C MET A 192 16.90 18.51 -9.70
N ASN A 193 16.92 18.87 -8.42
CA ASN A 193 15.78 18.67 -7.53
C ASN A 193 14.54 19.37 -8.09
N ASP A 194 14.71 20.64 -8.44
CA ASP A 194 13.64 21.44 -9.03
C ASP A 194 13.09 20.83 -10.31
N LEU A 195 13.98 20.31 -11.15
CA LEU A 195 13.59 19.63 -12.38
C LEU A 195 12.64 18.46 -12.08
N PHE A 196 13.06 17.56 -11.20
CA PHE A 196 12.27 16.37 -10.89
C PHE A 196 10.97 16.72 -10.15
N ASN A 197 11.01 17.78 -9.35
CA ASN A 197 9.85 18.25 -8.61
C ASN A 197 8.83 18.94 -9.51
N THR A 198 9.31 19.72 -10.46
CA THR A 198 8.47 20.52 -11.35
C THR A 198 7.95 19.68 -12.52
N TRP A 199 8.86 19.10 -13.28
CA TRP A 199 8.53 18.39 -14.51
C TRP A 199 8.19 16.92 -14.29
N GLY A 200 8.71 16.33 -13.21
CA GLY A 200 8.57 14.90 -12.96
C GLY A 200 9.88 14.19 -13.27
N SER A 201 10.08 13.01 -12.69
CA SER A 201 11.33 12.28 -12.87
C SER A 201 11.27 11.30 -14.04
N HIS A 202 10.05 10.89 -14.39
CA HIS A 202 9.81 9.85 -15.38
C HIS A 202 8.61 10.18 -16.24
N PHE A 203 8.54 9.60 -17.43
CA PHE A 203 7.35 9.71 -18.27
C PHE A 203 6.83 8.35 -18.68
N LEU A 204 5.54 8.32 -18.99
CA LEU A 204 4.88 7.10 -19.43
C LEU A 204 5.34 6.70 -20.83
N SER A 205 5.90 5.49 -20.93
CA SER A 205 6.43 4.99 -22.18
C SER A 205 5.82 3.64 -22.58
N GLY A 206 4.99 3.09 -21.68
CA GLY A 206 4.34 1.80 -21.91
C GLY A 206 3.14 1.66 -21.00
N VAL A 207 1.95 1.76 -21.59
CA VAL A 207 0.72 1.77 -20.81
C VAL A 207 -0.35 0.85 -21.39
N VAL A 208 -1.21 0.35 -20.50
CA VAL A 208 -2.37 -0.46 -20.88
C VAL A 208 -3.65 0.38 -20.84
N MET A 209 -4.39 0.37 -21.93
CA MET A 209 -5.69 1.01 -22.01
C MET A 209 -6.78 -0.05 -21.90
N GLY A 210 -7.83 0.24 -21.15
CA GLY A 210 -8.93 -0.72 -20.99
C GLY A 210 -9.71 -0.51 -19.72
N GLY A 211 -9.83 -1.56 -18.93
CA GLY A 211 -10.60 -1.52 -17.68
C GLY A 211 -9.97 -2.39 -16.62
N CYS A 212 -10.24 -2.08 -15.36
CA CYS A 212 -9.74 -2.92 -14.28
C CYS A 212 -10.67 -2.96 -13.08
N ALA A 213 -10.59 -4.06 -12.33
CA ALA A 213 -11.24 -4.20 -11.05
C ALA A 213 -10.14 -4.34 -10.01
N GLN A 214 -10.27 -3.58 -8.92
CA GLN A 214 -9.27 -3.55 -7.85
C GLN A 214 -9.91 -4.00 -6.54
N TYR A 215 -9.16 -4.80 -5.78
CA TYR A 215 -9.67 -5.49 -4.60
C TYR A 215 -8.51 -5.53 -3.61
N SER A 216 -8.55 -4.63 -2.63
CA SER A 216 -7.43 -4.43 -1.70
CA SER A 216 -7.44 -4.46 -1.70
C SER A 216 -7.84 -4.69 -0.26
N SER A 217 -6.97 -5.38 0.47
CA SER A 217 -7.28 -5.84 1.83
CA SER A 217 -7.28 -5.83 1.83
C SER A 217 -6.13 -5.64 2.82
N SER A 218 -6.49 -5.22 4.02
CA SER A 218 -5.59 -5.28 5.16
C SER A 218 -6.14 -6.43 6.01
N THR A 219 -5.29 -7.41 6.29
CA THR A 219 -5.71 -8.66 6.92
C THR A 219 -4.95 -8.87 8.22
N ASN A 220 -5.68 -9.10 9.31
CA ASN A 220 -5.07 -9.43 10.59
C ASN A 220 -4.35 -10.78 10.49
N LYS A 221 -3.03 -10.76 10.58
CA LYS A 221 -2.20 -11.96 10.46
C LYS A 221 -2.37 -12.93 11.62
N TYR A 222 -2.78 -12.39 12.77
CA TYR A 222 -2.86 -13.18 14.00
C TYR A 222 -4.18 -13.93 14.14
N THR A 223 -5.26 -13.34 13.65
CA THR A 223 -6.59 -13.94 13.80
C THR A 223 -7.06 -14.69 12.56
N SER A 224 -6.51 -14.37 11.39
CA SER A 224 -6.90 -15.02 10.13
C SER A 224 -6.65 -16.53 10.12
N ASN A 225 -5.57 -16.97 10.75
CA ASN A 225 -5.27 -18.40 10.90
C ASN A 225 -5.40 -19.17 9.58
N LEU A 226 -4.77 -18.65 8.53
CA LEU A 226 -4.89 -19.20 7.19
C LEU A 226 -3.96 -20.40 6.98
N THR A 227 -4.42 -21.34 6.15
CA THR A 227 -3.59 -22.48 5.75
C THR A 227 -2.66 -22.09 4.62
N ASN A 228 -3.22 -21.51 3.56
CA ASN A 228 -2.47 -21.02 2.41
C ASN A 228 -1.98 -19.60 2.63
N SER A 229 -0.99 -19.18 1.84
CA SER A 229 -0.44 -17.83 1.91
C SER A 229 -1.55 -16.81 1.68
N PHE A 230 -1.57 -15.77 2.50
CA PHE A 230 -2.64 -14.77 2.47
C PHE A 230 -2.84 -14.12 1.08
N ASP A 231 -1.77 -13.99 0.31
CA ASP A 231 -1.85 -13.34 -1.00
C ASP A 231 -2.55 -14.20 -2.05
N VAL A 232 -2.32 -15.51 -1.98
CA VAL A 232 -3.01 -16.47 -2.83
C VAL A 232 -4.48 -16.56 -2.40
N VAL A 233 -4.73 -16.53 -1.09
CA VAL A 233 -6.10 -16.53 -0.57
C VAL A 233 -6.86 -15.27 -1.01
N ALA A 234 -6.20 -14.12 -0.98
CA ALA A 234 -6.81 -12.85 -1.40
C ALA A 234 -7.27 -12.89 -2.86
N ALA A 235 -6.43 -13.43 -3.74
CA ALA A 235 -6.78 -13.61 -5.15
C ALA A 235 -7.96 -14.58 -5.37
N ALA A 236 -7.99 -15.66 -4.60
CA ALA A 236 -9.12 -16.61 -4.67
C ALA A 236 -10.40 -16.00 -4.12
N SER A 237 -10.27 -15.21 -3.05
CA SER A 237 -11.39 -14.47 -2.48
C SER A 237 -11.98 -13.48 -3.49
N PHE A 238 -11.12 -12.74 -4.19
CA PHE A 238 -11.56 -11.83 -5.26
C PHE A 238 -12.33 -12.56 -6.35
N ALA A 239 -11.75 -13.66 -6.84
CA ALA A 239 -12.33 -14.39 -7.97
C ALA A 239 -13.73 -14.91 -7.60
N GLY A 240 -13.84 -15.53 -6.43
CA GLY A 240 -15.13 -16.02 -5.92
C GLY A 240 -16.15 -14.91 -5.70
N PHE A 241 -15.67 -13.77 -5.21
CA PHE A 241 -16.50 -12.59 -4.92
C PHE A 241 -17.28 -12.13 -6.15
N ILE A 242 -16.63 -12.15 -7.31
CA ILE A 242 -17.27 -11.71 -8.57
C ILE A 242 -17.75 -12.87 -9.46
N GLY A 243 -17.85 -14.07 -8.88
CA GLY A 243 -18.46 -15.20 -9.58
C GLY A 243 -17.57 -15.90 -10.57
N LEU A 244 -16.25 -15.73 -10.44
CA LEU A 244 -15.31 -16.46 -11.29
C LEU A 244 -14.88 -17.73 -10.58
N SER A 245 -14.05 -18.54 -11.24
CA SER A 245 -13.56 -19.80 -10.67
C SER A 245 -12.65 -19.55 -9.47
N ALA A 246 -12.93 -20.27 -8.39
CA ALA A 246 -12.11 -20.19 -7.17
C ALA A 246 -11.96 -21.60 -6.59
N ARG A 247 -10.81 -21.88 -5.99
CA ARG A 247 -10.56 -23.17 -5.36
C ARG A 247 -11.50 -23.42 -4.19
N THR A 248 -11.84 -24.70 -3.98
CA THR A 248 -12.64 -25.15 -2.85
C THR A 248 -11.76 -25.99 -1.91
N GLY A 249 -11.03 -26.95 -2.50
CA GLY A 249 -10.16 -27.85 -1.75
C GLY A 249 -8.86 -27.20 -1.36
N ASN A 250 -7.93 -27.99 -0.81
CA ASN A 250 -6.67 -27.48 -0.26
C ASN A 250 -6.89 -26.36 0.74
N SER A 251 -7.97 -26.50 1.51
CA SER A 251 -8.36 -25.55 2.55
C SER A 251 -8.79 -24.16 2.05
N PHE A 252 -9.00 -24.01 0.74
CA PHE A 252 -9.34 -22.70 0.20
C PHE A 252 -10.69 -22.16 0.64
N MET A 253 -11.72 -23.00 0.66
CA MET A 253 -13.05 -22.55 1.07
C MET A 253 -13.03 -21.95 2.47
N GLU A 254 -12.39 -22.66 3.41
CA GLU A 254 -12.25 -22.16 4.78
C GLU A 254 -11.30 -20.97 4.85
N ASP A 255 -10.22 -20.99 4.07
CA ASP A 255 -9.29 -19.84 4.06
C ASP A 255 -9.98 -18.56 3.58
N ILE A 256 -10.75 -18.67 2.49
CA ILE A 256 -11.48 -17.53 1.94
C ILE A 256 -12.47 -16.96 2.97
N LYS A 257 -13.22 -17.86 3.61
CA LYS A 257 -14.12 -17.44 4.72
C LYS A 257 -13.36 -16.68 5.83
N LYS A 258 -12.27 -17.27 6.32
CA LYS A 258 -11.44 -16.66 7.37
C LYS A 258 -10.82 -15.33 6.93
N PHE A 259 -10.31 -15.31 5.71
CA PHE A 259 -9.70 -14.10 5.13
C PHE A 259 -10.68 -12.92 5.17
N ARG A 260 -11.90 -13.16 4.70
CA ARG A 260 -12.93 -12.12 4.64
C ARG A 260 -13.34 -11.64 6.03
N SER A 261 -13.43 -12.56 6.99
CA SER A 261 -13.75 -12.22 8.36
C SER A 261 -12.65 -11.42 9.05
N ALA A 262 -11.42 -11.62 8.61
CA ALA A 262 -10.24 -11.01 9.24
C ALA A 262 -9.70 -9.79 8.49
N SER A 263 -10.41 -9.36 7.44
CA SER A 263 -9.90 -8.29 6.57
C SER A 263 -10.85 -7.12 6.39
N ASN A 264 -10.26 -5.94 6.20
CA ASN A 264 -10.99 -4.78 5.70
C ASN A 264 -10.73 -4.68 4.21
N ILE A 265 -11.78 -4.80 3.41
CA ILE A 265 -11.64 -4.90 1.96
C ILE A 265 -12.23 -3.66 1.29
N LYS A 266 -11.47 -3.08 0.36
CA LYS A 266 -11.90 -1.93 -0.43
C LYS A 266 -11.85 -2.29 -1.91
N THR A 267 -12.86 -1.86 -2.65
CA THR A 267 -12.92 -2.17 -4.08
C THR A 267 -12.99 -0.90 -4.92
N HIS A 268 -12.52 -0.99 -6.15
CA HIS A 268 -12.60 0.13 -7.08
C HIS A 268 -12.59 -0.41 -8.51
N ALA A 269 -13.17 0.36 -9.43
CA ALA A 269 -13.15 0.00 -10.84
C ALA A 269 -12.84 1.24 -11.68
N ILE A 270 -12.13 1.00 -12.78
CA ILE A 270 -11.72 2.05 -13.70
C ILE A 270 -12.02 1.54 -15.11
N GLY A 271 -12.51 2.41 -15.99
CA GLY A 271 -12.81 2.04 -17.36
C GLY A 271 -14.17 1.37 -17.48
N GLY A 272 -14.68 1.29 -18.71
CA GLY A 272 -16.02 0.80 -18.96
C GLY A 272 -17.06 1.86 -18.65
N ASP A 273 -18.33 1.52 -18.83
CA ASP A 273 -19.42 2.45 -18.54
C ASP A 273 -19.84 2.26 -17.08
N LEU A 274 -19.19 2.98 -16.19
CA LEU A 274 -19.42 2.86 -14.76
C LEU A 274 -20.67 3.59 -14.26
N SER A 275 -21.34 4.31 -15.17
CA SER A 275 -22.63 4.93 -14.85
C SER A 275 -23.76 3.90 -14.95
N ARG A 276 -23.55 2.86 -15.75
CA ARG A 276 -24.53 1.80 -15.94
C ARG A 276 -24.10 0.49 -15.27
N PHE A 277 -22.80 0.20 -15.32
CA PHE A 277 -22.29 -1.11 -14.90
C PHE A 277 -21.27 -1.02 -13.77
N ASP A 278 -21.02 -2.16 -13.12
CA ASP A 278 -20.11 -2.28 -11.98
C ASP A 278 -19.60 -3.72 -11.96
N PRO A 279 -18.27 -3.94 -12.09
CA PRO A 279 -17.77 -5.32 -12.03
C PRO A 279 -18.10 -6.02 -10.70
N PHE A 280 -18.29 -5.25 -9.63
CA PHE A 280 -18.66 -5.77 -8.31
C PHE A 280 -20.16 -5.66 -8.04
N GLY A 281 -20.93 -5.29 -9.06
CA GLY A 281 -22.37 -5.00 -8.91
C GLY A 281 -23.24 -6.12 -8.38
N GLY A 282 -22.85 -7.37 -8.63
CA GLY A 282 -23.58 -8.53 -8.11
C GLY A 282 -22.73 -9.41 -7.21
N ALA A 283 -21.67 -8.83 -6.67
CA ALA A 283 -20.69 -9.57 -5.86
C ALA A 283 -21.29 -10.20 -4.61
N THR A 284 -20.79 -11.38 -4.26
CA THR A 284 -21.32 -12.14 -3.14
C THR A 284 -20.22 -12.60 -2.17
N SER A 285 -20.40 -12.31 -0.89
CA SER A 285 -19.42 -12.68 0.14
C SER A 285 -19.82 -13.96 0.87
N ALA A 286 -20.81 -14.68 0.34
CA ALA A 286 -21.32 -15.91 0.95
C ALA A 286 -20.28 -17.04 0.93
N ASP A 287 -20.27 -17.84 1.99
CA ASP A 287 -19.38 -19.01 2.10
C ASP A 287 -19.64 -19.96 0.94
N GLN A 288 -20.90 -20.36 0.79
CA GLN A 288 -21.34 -21.22 -0.30
C GLN A 288 -22.49 -20.55 -1.05
N PRO A 289 -22.16 -19.69 -2.04
CA PRO A 289 -23.18 -19.01 -2.83
C PRO A 289 -23.97 -19.97 -3.71
N SER A 290 -25.25 -19.68 -3.91
CA SER A 290 -26.11 -20.49 -4.76
C SER A 290 -25.77 -20.29 -6.24
N ALA A 291 -26.34 -21.13 -7.10
CA ALA A 291 -26.15 -21.04 -8.54
C ALA A 291 -26.59 -19.68 -9.08
N GLU A 292 -27.74 -19.21 -8.58
CA GLU A 292 -28.27 -17.90 -8.96
C GLU A 292 -27.38 -16.75 -8.50
N GLU A 293 -26.81 -16.88 -7.30
CA GLU A 293 -25.94 -15.84 -6.74
C GLU A 293 -24.64 -15.71 -7.53
N ILE A 294 -24.05 -16.85 -7.89
CA ILE A 294 -22.84 -16.91 -8.72
C ILE A 294 -23.12 -16.32 -10.12
N ALA A 295 -24.26 -16.71 -10.71
CA ALA A 295 -24.68 -16.22 -12.02
C ALA A 295 -24.86 -14.71 -12.03
N ALA A 296 -25.47 -14.17 -10.97
CA ALA A 296 -25.67 -12.72 -10.83
C ALA A 296 -24.34 -11.97 -10.69
N ALA A 297 -23.41 -12.54 -9.93
CA ALA A 297 -22.07 -11.95 -9.75
C ALA A 297 -21.35 -11.90 -11.09
N LYS A 298 -21.40 -13.01 -11.82
CA LYS A 298 -20.75 -13.14 -13.11
C LYS A 298 -21.39 -12.24 -14.17
N LYS A 299 -22.71 -12.11 -14.12
CA LYS A 299 -23.44 -11.25 -15.07
C LYS A 299 -23.04 -9.78 -14.93
N ALA A 300 -22.98 -9.29 -13.69
CA ALA A 300 -22.56 -7.91 -13.43
C ALA A 300 -21.13 -7.66 -13.91
N PHE A 301 -20.26 -8.65 -13.73
CA PHE A 301 -18.88 -8.53 -14.21
C PHE A 301 -18.83 -8.50 -15.73
N GLU A 302 -19.54 -9.43 -16.37
CA GLU A 302 -19.56 -9.56 -17.82
C GLU A 302 -20.19 -8.37 -18.54
N ASP A 303 -21.25 -7.82 -17.96
CA ASP A 303 -21.88 -6.60 -18.48
C ASP A 303 -20.91 -5.42 -18.46
N TRP A 304 -20.17 -5.24 -17.37
CA TRP A 304 -19.15 -4.21 -17.28
C TRP A 304 -18.02 -4.44 -18.28
N LYS A 305 -17.54 -5.68 -18.37
CA LYS A 305 -16.45 -6.04 -19.28
C LYS A 305 -16.78 -5.69 -20.73
N ALA A 306 -18.02 -5.98 -21.13
CA ALA A 306 -18.50 -5.71 -22.49
C ALA A 306 -18.59 -4.22 -22.83
N SER A 307 -18.60 -3.36 -21.79
CA SER A 307 -18.69 -1.91 -21.97
C SER A 307 -17.31 -1.24 -22.04
N VAL A 308 -16.27 -2.01 -21.76
CA VAL A 308 -14.89 -1.50 -21.73
C VAL A 308 -14.35 -1.08 -23.11
N PRO A 309 -14.54 -1.91 -24.17
CA PRO A 309 -14.07 -1.51 -25.51
C PRO A 309 -14.49 -0.10 -25.96
N ASN A 310 -15.72 0.31 -25.66
CA ASN A 310 -16.18 1.65 -26.06
C ASN A 310 -15.88 2.74 -25.02
N ALA A 311 -15.27 2.36 -23.90
CA ALA A 311 -14.92 3.32 -22.85
C ALA A 311 -13.62 2.95 -22.12
N PRO A 312 -12.49 2.87 -22.85
CA PRO A 312 -11.23 2.53 -22.18
C PRO A 312 -10.69 3.70 -21.37
N GLU A 313 -9.95 3.38 -20.31
CA GLU A 313 -9.21 4.36 -19.53
C GLU A 313 -7.79 3.82 -19.30
N LEU A 314 -6.88 4.69 -18.88
CA LEU A 314 -5.56 4.26 -18.46
C LEU A 314 -5.71 3.41 -17.20
N VAL A 315 -5.22 2.17 -17.25
CA VAL A 315 -5.46 1.20 -16.16
C VAL A 315 -4.22 0.48 -15.61
N ASN A 316 -3.15 0.39 -16.41
CA ASN A 316 -1.94 -0.31 -15.96
C ASN A 316 -0.68 0.11 -16.71
N PHE A 317 0.47 -0.18 -16.09
CA PHE A 317 1.76 -0.09 -16.76
C PHE A 317 1.93 -1.35 -17.60
N ALA A 318 2.53 -1.21 -18.78
CA ALA A 318 2.89 -2.37 -19.60
C ALA A 318 4.05 -3.13 -18.94
N ASP A 319 4.29 -4.36 -19.42
CA ASP A 319 5.32 -5.24 -18.84
C ASP A 319 6.76 -4.81 -19.09
N SER A 320 7.02 -4.13 -20.20
CA SER A 320 8.37 -3.68 -20.48
C SER A 320 8.45 -2.17 -20.58
N ASN A 321 9.45 -1.60 -19.91
CA ASN A 321 9.72 -0.16 -19.93
C ASN A 321 8.47 0.72 -19.82
N PRO A 322 7.67 0.53 -18.75
CA PRO A 322 6.48 1.39 -18.63
C PRO A 322 6.80 2.85 -18.30
N LEU A 323 7.89 3.06 -17.57
CA LEU A 323 8.31 4.40 -17.13
C LEU A 323 9.76 4.65 -17.50
N THR A 324 10.00 5.74 -18.21
CA THR A 324 11.33 6.09 -18.69
C THR A 324 11.79 7.38 -18.03
N GLY A 325 13.03 7.39 -17.54
CA GLY A 325 13.63 8.57 -16.92
C GLY A 325 13.59 9.75 -17.88
N ILE A 326 13.27 10.94 -17.36
CA ILE A 326 13.18 12.12 -18.22
C ILE A 326 14.54 12.50 -18.81
N TRP A 327 15.62 12.05 -18.15
CA TRP A 327 16.98 12.28 -18.60
C TRP A 327 17.27 11.59 -19.95
N GLU A 328 16.48 10.57 -20.27
CA GLU A 328 16.64 9.86 -21.54
C GLU A 328 16.28 10.74 -22.74
N LEU A 329 15.64 11.87 -22.47
CA LEU A 329 15.29 12.85 -23.51
C LEU A 329 16.41 13.85 -23.77
N CYS A 330 17.48 13.78 -22.98
CA CYS A 330 18.67 14.62 -23.14
CA CYS A 330 18.63 14.65 -23.16
C CYS A 330 19.42 14.21 -24.39
N SER A 331 19.92 15.19 -25.14
CA SER A 331 20.74 14.93 -26.32
C SER A 331 22.21 14.70 -25.97
N ASP A 332 22.63 15.23 -24.82
CA ASP A 332 24.01 15.10 -24.33
C ASP A 332 24.11 13.94 -23.35
N ARG A 333 24.93 12.95 -23.67
CA ARG A 333 25.05 11.77 -22.80
C ARG A 333 25.71 12.04 -21.45
N THR A 334 26.54 13.09 -21.38
CA THR A 334 27.13 13.51 -20.11
C THR A 334 26.06 14.08 -19.17
N GLN A 335 25.17 14.92 -19.72
CA GLN A 335 24.06 15.48 -18.95
C GLN A 335 23.04 14.40 -18.58
N LYS A 336 22.76 13.49 -19.52
CA LYS A 336 21.91 12.33 -19.26
C LYS A 336 22.39 11.54 -18.04
N ALA A 337 23.69 11.22 -18.02
CA ALA A 337 24.28 10.46 -16.92
C ALA A 337 24.29 11.24 -15.61
N LYS A 338 24.53 12.55 -15.68
CA LYS A 338 24.49 13.40 -14.50
C LYS A 338 23.11 13.40 -13.84
N LEU A 339 22.07 13.56 -14.65
CA LEU A 339 20.69 13.60 -14.15
C LEU A 339 20.24 12.25 -13.59
N LYS A 340 20.57 11.17 -14.29
CA LYS A 340 20.30 9.82 -13.82
C LYS A 340 20.95 9.56 -12.45
N LYS A 341 22.23 9.95 -12.33
CA LYS A 341 22.96 9.80 -11.07
C LYS A 341 22.31 10.58 -9.93
N HIS A 342 21.87 11.80 -10.19
CA HIS A 342 21.19 12.60 -9.17
C HIS A 342 19.90 11.95 -8.70
N PHE A 343 19.12 11.41 -9.65
CA PHE A 343 17.91 10.66 -9.32
C PHE A 343 18.23 9.45 -8.42
N GLU A 344 19.17 8.63 -8.86
CA GLU A 344 19.46 7.35 -8.21
C GLU A 344 20.12 7.50 -6.83
N THR A 345 20.95 8.53 -6.68
CA THR A 345 21.78 8.66 -5.48
C THR A 345 21.30 9.74 -4.50
N VAL A 346 20.52 10.70 -5.00
CA VAL A 346 20.10 11.83 -4.17
C VAL A 346 18.58 11.95 -4.05
N TRP A 347 17.91 12.23 -5.17
CA TRP A 347 16.48 12.58 -5.18
C TRP A 347 15.54 11.43 -4.84
N ALA A 348 15.67 10.30 -5.53
CA ALA A 348 14.81 9.15 -5.25
C ALA A 348 14.94 8.63 -3.81
N PRO A 349 16.18 8.43 -3.30
CA PRO A 349 16.33 8.07 -1.88
C PRO A 349 15.74 9.09 -0.89
N ALA A 350 15.95 10.38 -1.13
CA ALA A 350 15.42 11.43 -0.26
C ALA A 350 13.89 11.43 -0.27
N GLU A 351 13.30 11.34 -1.45
CA GLU A 351 11.85 11.35 -1.58
C GLU A 351 11.23 10.06 -1.06
N SER A 352 11.94 8.94 -1.25
CA SER A 352 11.49 7.65 -0.71
CA SER A 352 11.49 7.65 -0.72
C SER A 352 11.44 7.67 0.80
N ALA A 353 12.50 8.20 1.41
CA ALA A 353 12.60 8.28 2.87
C ALA A 353 11.40 8.99 3.49
N LYS A 354 10.89 10.01 2.80
CA LYS A 354 9.75 10.80 3.27
C LYS A 354 8.44 10.02 3.27
N ARG A 355 8.39 8.91 2.52
CA ARG A 355 7.17 8.12 2.39
C ARG A 355 7.18 6.83 3.22
N ARG A 356 8.28 6.61 3.95
CA ARG A 356 8.45 5.39 4.73
C ARG A 356 7.40 5.27 5.83
N VAL A 357 6.73 4.11 5.87
CA VAL A 357 5.73 3.81 6.88
C VAL A 357 6.24 2.69 7.79
N HIS A 358 6.03 2.84 9.09
CA HIS A 358 6.29 1.79 10.07
C HIS A 358 5.10 1.71 11.01
N ALA A 359 4.91 0.55 11.63
CA ALA A 359 3.83 0.34 12.59
C ALA A 359 4.05 1.17 13.86
N ASP A 360 2.96 1.64 14.44
CA ASP A 360 2.99 2.29 15.74
C ASP A 360 3.66 1.36 16.76
N TYR A 361 4.35 1.96 17.72
CA TYR A 361 5.13 1.20 18.69
C TYR A 361 4.98 1.78 20.07
N ILE A 362 5.23 0.96 21.10
CA ILE A 362 5.11 1.39 22.48
C ILE A 362 6.33 2.18 22.93
N ASP A 363 6.08 3.42 23.35
CA ASP A 363 7.16 4.31 23.80
C ASP A 363 7.08 4.66 25.30
N GLU A 364 5.98 4.27 25.95
CA GLU A 364 5.82 4.47 27.39
C GLU A 364 5.00 3.35 28.03
N ILE A 365 5.39 2.94 29.23
CA ILE A 365 4.63 1.97 30.03
C ILE A 365 4.52 2.49 31.47
N ILE A 366 3.31 2.54 32.00
CA ILE A 366 3.10 2.96 33.38
C ILE A 366 2.26 1.93 34.13
N ILE A 367 2.49 1.82 35.43
CA ILE A 367 1.74 0.93 36.31
C ILE A 367 1.35 1.68 37.58
N GLY A 368 0.10 1.54 37.99
CA GLY A 368 -0.38 2.14 39.25
C GLY A 368 -1.73 1.62 39.69
N ILE A 369 -2.10 1.97 40.92
CA ILE A 369 -3.43 1.65 41.44
C ILE A 369 -4.46 2.51 40.72
N ASN A 370 -5.43 1.84 40.10
CA ASN A 370 -6.49 2.52 39.34
C ASN A 370 -7.82 1.78 39.51
N ASN A 371 -8.70 2.35 40.33
CA ASN A 371 -9.99 1.73 40.68
C ASN A 371 -10.97 1.62 39.50
N THR A 372 -10.85 2.52 38.54
CA THR A 372 -11.76 2.55 37.39
C THR A 372 -11.11 2.02 36.11
N ASN A 373 -9.83 1.66 36.20
CA ASN A 373 -9.03 1.23 35.06
C ASN A 373 -9.10 2.23 33.88
N THR A 374 -9.11 3.51 34.23
CA THR A 374 -9.16 4.59 33.24
C THR A 374 -7.74 5.07 32.94
N PRO A 375 -7.30 4.94 31.67
CA PRO A 375 -5.99 5.41 31.27
C PRO A 375 -5.89 6.94 31.33
N PRO A 376 -4.68 7.46 31.60
CA PRO A 376 -4.46 8.90 31.45
C PRO A 376 -4.61 9.30 29.99
N GLU A 377 -4.85 10.58 29.73
CA GLU A 377 -5.08 11.08 28.37
C GLU A 377 -3.96 10.67 27.41
N GLY A 378 -4.36 10.04 26.31
CA GLY A 378 -3.41 9.57 25.29
C GLY A 378 -2.91 8.15 25.48
N TYR A 379 -3.15 7.58 26.66
CA TYR A 379 -2.71 6.22 26.98
C TYR A 379 -3.81 5.20 26.71
N ILE A 380 -3.42 3.94 26.52
CA ILE A 380 -4.39 2.84 26.37
C ILE A 380 -4.17 1.78 27.44
N GLY A 381 -5.25 1.10 27.81
CA GLY A 381 -5.22 0.10 28.88
C GLY A 381 -4.88 -1.30 28.41
N LEU A 382 -4.42 -2.12 29.33
CA LEU A 382 -4.08 -3.52 29.07
C LEU A 382 -5.36 -4.35 28.88
N LYS A 383 -5.34 -5.24 27.90
CA LYS A 383 -6.49 -6.10 27.60
C LYS A 383 -6.13 -7.57 27.53
N SER A 384 -7.09 -8.42 27.90
CA SER A 384 -7.04 -9.83 27.53
C SER A 384 -7.87 -9.98 26.27
N THR A 385 -9.18 -10.20 26.43
CA THR A 385 -10.15 -10.04 25.35
C THR A 385 -10.84 -8.69 25.54
N LYS A 386 -11.02 -8.31 26.81
CA LYS A 386 -11.55 -7.01 27.21
C LYS A 386 -10.58 -6.36 28.20
N ASP A 387 -10.93 -5.17 28.69
CA ASP A 387 -10.11 -4.44 29.66
C ASP A 387 -9.94 -5.23 30.97
N GLU A 388 -8.68 -5.39 31.40
CA GLU A 388 -8.38 -6.15 32.61
C GLU A 388 -7.32 -5.47 33.48
N ASN A 389 -7.43 -5.65 34.79
CA ASN A 389 -6.38 -5.27 35.72
C ASN A 389 -5.17 -6.18 35.50
N LEU A 390 -3.97 -5.62 35.69
CA LEU A 390 -2.76 -6.44 35.74
C LEU A 390 -2.86 -7.37 36.96
N ASN A 391 -3.15 -6.78 38.11
CA ASN A 391 -3.47 -7.50 39.34
C ASN A 391 -4.85 -7.07 39.81
N SER A 392 -5.78 -8.02 39.84
CA SER A 392 -7.16 -7.77 40.25
C SER A 392 -7.27 -7.31 41.71
N LYS A 393 -6.40 -7.85 42.57
CA LYS A 393 -6.30 -7.39 43.96
C LYS A 393 -5.52 -6.08 44.01
N GLY A 394 -6.10 -5.08 44.66
CA GLY A 394 -5.48 -3.75 44.76
C GLY A 394 -5.65 -2.88 43.53
N ASN A 395 -6.40 -3.39 42.55
CA ASN A 395 -6.64 -2.70 41.28
C ASN A 395 -5.39 -2.12 40.61
N ILE A 396 -4.38 -2.98 40.46
CA ILE A 396 -3.13 -2.59 39.80
C ILE A 396 -3.35 -2.64 38.29
N CYS A 397 -3.17 -1.48 37.64
CA CYS A 397 -3.40 -1.38 36.20
C CYS A 397 -2.13 -1.01 35.43
N LEU A 398 -1.99 -1.56 34.24
CA LEU A 398 -0.92 -1.18 33.33
C LEU A 398 -1.49 -0.41 32.15
N PHE A 399 -0.85 0.72 31.84
CA PHE A 399 -1.21 1.50 30.68
C PHE A 399 0.01 1.71 29.80
N MET A 400 -0.23 1.82 28.50
CA MET A 400 0.86 2.07 27.56
C MET A 400 0.51 3.22 26.61
N HIS A 401 1.55 3.90 26.15
CA HIS A 401 1.42 4.94 25.15
C HIS A 401 2.07 4.47 23.86
N LYS A 402 1.41 4.74 22.74
CA LYS A 402 1.94 4.36 21.43
C LYS A 402 2.39 5.59 20.65
N ALA A 403 3.57 5.49 20.05
CA ALA A 403 4.11 6.53 19.20
C ALA A 403 3.92 6.17 17.73
N LYS A 404 3.72 7.18 16.90
CA LYS A 404 3.64 7.01 15.45
C LYS A 404 4.97 7.36 14.81
N TYR A 405 5.50 6.45 14.00
CA TYR A 405 6.72 6.73 13.27
C TYR A 405 6.51 7.87 12.26
N ASP A 406 7.41 8.84 12.31
CA ASP A 406 7.40 9.97 11.38
C ASP A 406 8.82 10.13 10.83
N PRO A 407 8.99 9.94 9.51
CA PRO A 407 10.29 9.96 8.83
C PRO A 407 11.06 11.28 8.94
N ASN A 408 10.34 12.36 9.20
CA ASN A 408 10.92 13.70 9.16
C ASN A 408 11.53 14.15 10.50
N ILE A 409 11.07 13.57 11.60
CA ILE A 409 11.57 13.94 12.92
C ILE A 409 12.42 12.83 13.54
N ASP A 410 13.25 13.20 14.53
CA ASP A 410 13.96 12.23 15.36
C ASP A 410 12.94 11.50 16.22
N ASN A 411 12.76 10.21 15.98
CA ASN A 411 11.71 9.44 16.64
C ASN A 411 11.99 9.09 18.10
N LYS A 412 10.91 9.01 18.88
CA LYS A 412 10.98 8.68 20.29
C LYS A 412 11.53 7.27 20.49
N ASP A 413 12.34 7.10 21.54
CA ASP A 413 12.91 5.81 21.89
C ASP A 413 11.84 4.71 21.94
N CYS A 414 12.21 3.51 21.52
CA CYS A 414 11.34 2.37 21.63
C CYS A 414 11.73 1.50 22.82
N ILE A 415 10.97 0.45 23.08
CA ILE A 415 11.25 -0.51 24.14
C ILE A 415 11.43 -1.87 23.48
N THR A 416 12.53 -2.56 23.81
CA THR A 416 12.91 -3.77 23.09
C THR A 416 12.68 -5.08 23.87
N GLU A 417 12.59 -4.98 25.19
CA GLU A 417 12.47 -6.17 26.04
C GLU A 417 11.76 -5.87 27.36
N LEU A 418 11.13 -6.89 27.93
CA LEU A 418 10.50 -6.81 29.24
C LEU A 418 10.94 -8.00 30.11
N LYS A 419 11.08 -7.75 31.40
CA LYS A 419 11.39 -8.79 32.39
C LYS A 419 10.85 -8.41 33.77
N PHE A 420 10.78 -9.39 34.66
CA PHE A 420 10.32 -9.18 36.03
C PHE A 420 11.47 -9.24 37.04
N ILE A 421 11.36 -8.45 38.09
CA ILE A 421 12.23 -8.55 39.25
C ILE A 421 11.35 -8.85 40.47
N THR A 422 11.68 -9.93 41.19
CA THR A 422 10.87 -10.41 42.30
C THR A 422 11.48 -10.13 43.69
N VAL A 423 12.52 -9.29 43.73
CA VAL A 423 13.15 -8.91 45.00
C VAL A 423 12.94 -7.43 45.34
N ARG A 424 12.96 -7.15 46.64
CA ARG A 424 12.55 -5.87 47.22
C ARG A 424 13.28 -4.63 46.71
N ASP A 425 14.60 -4.60 46.90
CA ASP A 425 15.40 -3.42 46.60
C ASP A 425 16.60 -3.74 45.71
N LYS A 426 16.33 -3.97 44.43
CA LYS A 426 17.37 -4.24 43.44
C LYS A 426 17.05 -3.54 42.14
N SER A 427 18.03 -2.83 41.59
CA SER A 427 17.90 -2.17 40.30
C SER A 427 18.56 -3.01 39.21
N PRO A 428 17.88 -3.16 38.05
CA PRO A 428 18.47 -3.90 36.94
C PRO A 428 19.62 -3.13 36.29
N GLU A 429 20.64 -3.85 35.84
CA GLU A 429 21.86 -3.24 35.30
C GLU A 429 21.66 -2.66 33.90
N GLY A 430 22.59 -1.80 33.49
CA GLY A 430 22.60 -1.23 32.14
C GLY A 430 21.53 -0.18 31.90
N ASP A 431 20.90 -0.25 30.73
CA ASP A 431 19.90 0.72 30.31
C ASP A 431 18.49 0.38 30.81
N TRP A 432 18.34 -0.79 31.43
CA TRP A 432 17.06 -1.27 31.96
C TRP A 432 16.44 -0.27 32.93
N VAL A 433 15.11 -0.13 32.83
CA VAL A 433 14.35 0.77 33.68
C VAL A 433 13.35 -0.05 34.49
N LYS A 434 13.36 0.11 35.81
CA LYS A 434 12.38 -0.53 36.67
C LYS A 434 11.18 0.39 36.90
N ILE A 435 9.98 -0.10 36.57
CA ILE A 435 8.75 0.59 36.90
C ILE A 435 8.53 0.48 38.42
N PRO A 436 8.42 1.63 39.11
CA PRO A 436 8.41 1.70 40.57
C PRO A 436 7.33 0.90 41.30
N GLN A 437 6.14 0.76 40.70
CA GLN A 437 5.01 0.13 41.40
C GLN A 437 5.18 -1.37 41.62
N ASP A 438 5.14 -1.77 42.89
CA ASP A 438 5.08 -3.17 43.29
C ASP A 438 3.72 -3.73 42.85
N ILE A 439 3.73 -4.67 41.93
CA ILE A 439 2.51 -5.26 41.36
C ILE A 439 1.77 -6.13 42.38
N TYR A 440 2.52 -6.75 43.29
CA TYR A 440 1.96 -7.58 44.35
C TYR A 440 1.66 -6.75 45.59
N ILE A 441 0.39 -6.62 45.94
CA ILE A 441 0.03 -5.84 47.13
C ILE A 441 0.25 -6.59 48.45
N SER A 442 0.49 -7.91 48.36
CA SER A 442 0.92 -8.68 49.53
C SER A 442 2.19 -8.06 50.12
N PRO A 443 2.23 -7.91 51.46
CA PRO A 443 3.38 -7.27 52.11
C PRO A 443 4.67 -8.10 52.11
N ASN A 444 4.58 -9.40 51.87
CA ASN A 444 5.77 -10.27 51.87
C ASN A 444 6.19 -10.78 50.48
N GLN A 445 5.63 -10.16 49.43
CA GLN A 445 5.90 -10.53 48.05
C GLN A 445 6.12 -9.28 47.20
N TYR A 446 7.06 -9.36 46.26
CA TYR A 446 7.38 -8.24 45.37
C TYR A 446 7.39 -8.66 43.92
N LEU A 447 6.87 -7.79 43.05
CA LEU A 447 6.94 -7.98 41.59
C LEU A 447 6.99 -6.62 40.89
N TYR A 448 8.09 -6.37 40.19
CA TYR A 448 8.28 -5.14 39.44
C TYR A 448 8.53 -5.47 37.98
N LEU A 449 7.84 -4.77 37.08
CA LEU A 449 8.10 -4.89 35.65
C LEU A 449 9.25 -3.97 35.24
N CYS A 450 10.19 -4.54 34.47
CA CYS A 450 11.32 -3.79 33.94
C CYS A 450 11.27 -3.78 32.42
N TYR A 451 11.66 -2.64 31.82
CA TYR A 451 11.74 -2.55 30.36
C TYR A 451 13.10 -2.01 29.91
N LEU A 452 13.46 -2.31 28.66
CA LEU A 452 14.72 -1.86 28.09
C LEU A 452 14.48 -0.86 26.96
N PRO A 453 14.63 0.45 27.26
CA PRO A 453 14.53 1.47 26.22
C PRO A 453 15.73 1.44 25.29
N ALA A 454 15.52 1.81 24.03
CA ALA A 454 16.58 1.88 23.04
C ALA A 454 16.21 2.88 21.95
N LYS A 455 17.20 3.33 21.19
CA LYS A 455 16.96 4.20 20.04
C LYS A 455 16.04 3.46 19.08
N TYR A 456 15.12 4.20 18.46
CA TYR A 456 14.07 3.58 17.66
C TYR A 456 14.60 2.56 16.64
N SER A 457 14.03 1.36 16.68
CA SER A 457 14.31 0.30 15.72
C SER A 457 12.99 -0.35 15.33
N ALA A 458 12.65 -0.25 14.05
CA ALA A 458 11.39 -0.79 13.53
C ALA A 458 11.23 -2.28 13.78
N GLU A 459 12.31 -3.05 13.62
CA GLU A 459 12.27 -4.50 13.83
C GLU A 459 12.24 -4.90 15.30
N LYS A 460 12.88 -4.10 16.15
CA LYS A 460 13.07 -4.45 17.56
C LYS A 460 12.02 -3.85 18.52
N ALA A 461 11.36 -2.77 18.09
CA ALA A 461 10.39 -2.07 18.92
C ALA A 461 9.19 -2.96 19.26
N ILE A 462 8.86 -3.04 20.55
CA ILE A 462 7.66 -3.76 20.98
C ILE A 462 6.43 -3.01 20.47
N LYS A 463 5.49 -3.75 19.86
CA LYS A 463 4.28 -3.15 19.31
C LYS A 463 3.03 -3.44 20.12
N ASP A 464 3.07 -4.49 20.93
CA ASP A 464 1.90 -4.92 21.68
C ASP A 464 2.28 -5.58 23.01
N ILE A 465 1.48 -5.29 24.03
CA ILE A 465 1.55 -5.97 25.31
C ILE A 465 0.13 -6.45 25.63
N GLN A 466 0.04 -7.72 26.00
CA GLN A 466 -1.25 -8.39 26.15
C GLN A 466 -1.25 -9.25 27.41
N LEU A 467 -2.44 -9.57 27.89
CA LEU A 467 -2.61 -10.42 29.06
C LEU A 467 -3.33 -11.73 28.69
N LEU A 468 -2.73 -12.85 29.08
CA LEU A 468 -3.41 -14.14 29.02
C LEU A 468 -4.12 -14.34 30.36
N CYS A 469 -5.44 -14.53 30.30
CA CYS A 469 -6.26 -14.59 31.51
C CYS A 469 -7.13 -15.85 31.59
N SER A 470 -7.13 -16.48 32.75
CA SER A 470 -7.94 -17.67 33.01
C SER A 470 -9.37 -17.28 33.37
N SER A 475 -6.48 -20.87 26.80
CA SER A 475 -6.05 -19.49 26.61
C SER A 475 -4.67 -19.23 27.21
N MET A 476 -4.03 -20.28 27.71
CA MET A 476 -2.75 -20.15 28.42
C MET A 476 -1.50 -20.42 27.58
N ILE A 477 -1.68 -20.91 26.36
CA ILE A 477 -0.56 -21.19 25.47
C ILE A 477 -0.02 -19.92 24.83
N LEU A 478 1.31 -19.78 24.82
CA LEU A 478 1.99 -18.63 24.24
C LEU A 478 1.86 -18.62 22.72
N PRO A 479 1.20 -17.59 22.15
CA PRO A 479 1.01 -17.50 20.71
C PRO A 479 2.24 -16.97 19.98
N TYR A 480 2.37 -17.32 18.71
CA TYR A 480 3.42 -16.78 17.85
C TYR A 480 2.99 -15.39 17.37
N GLY A 481 3.92 -14.44 17.27
CA GLY A 481 5.30 -14.61 17.73
C GLY A 481 5.51 -13.75 18.97
N TYR A 482 4.79 -14.10 20.04
CA TYR A 482 4.84 -13.36 21.29
C TYR A 482 5.88 -13.94 22.25
N ASN A 483 6.26 -13.14 23.24
CA ASN A 483 7.23 -13.53 24.25
C ASN A 483 6.65 -13.43 25.65
N ASP A 484 7.08 -14.34 26.53
CA ASP A 484 6.74 -14.26 27.95
C ASP A 484 7.58 -13.20 28.64
N VAL A 485 7.05 -12.64 29.71
CA VAL A 485 7.81 -11.76 30.60
C VAL A 485 8.26 -12.59 31.80
N LEU A 486 9.56 -12.76 31.95
CA LEU A 486 10.13 -13.73 32.88
C LEU A 486 10.86 -13.09 34.06
N ASP A 487 10.84 -13.79 35.20
CA ASP A 487 11.56 -13.34 36.39
C ASP A 487 13.07 -13.61 36.28
N GLU A 488 13.76 -13.59 37.42
CA GLU A 488 15.22 -13.79 37.45
C GLU A 488 15.64 -15.18 37.00
N ARG A 489 14.84 -16.19 37.35
CA ARG A 489 15.13 -17.59 37.03
C ARG A 489 14.67 -17.99 35.63
N GLY A 490 13.97 -17.09 34.95
CA GLY A 490 13.46 -17.33 33.60
C GLY A 490 12.10 -18.00 33.57
N GLU A 491 11.30 -17.76 34.61
CA GLU A 491 9.98 -18.37 34.74
C GLU A 491 8.85 -17.34 34.68
N ARG A 492 7.68 -17.79 34.23
CA ARG A 492 6.47 -16.97 34.19
C ARG A 492 6.07 -16.54 35.59
N ALA A 493 5.57 -15.31 35.71
CA ALA A 493 5.05 -14.82 36.98
C ALA A 493 3.57 -14.50 36.85
N ASN A 494 2.76 -15.11 37.70
CA ASN A 494 1.33 -14.79 37.77
C ASN A 494 1.17 -13.39 38.36
N ALA A 495 0.71 -12.47 37.52
CA ALA A 495 0.61 -11.05 37.88
C ALA A 495 -0.53 -10.73 38.85
N THR A 496 -1.52 -11.61 38.90
CA THR A 496 -2.67 -11.41 39.78
C THR A 496 -2.61 -12.25 41.06
N GLU A 497 -3.18 -11.72 42.14
CA GLU A 497 -3.06 -12.32 43.47
C GLU A 497 -4.34 -13.01 43.98
N ASP A 498 -5.39 -12.99 43.17
CA ASP A 498 -6.64 -13.66 43.52
C ASP A 498 -6.73 -15.05 42.86
N ASP A 499 -7.90 -15.68 42.90
CA ASP A 499 -8.11 -17.01 42.34
C ASP A 499 -8.20 -17.00 40.81
N ASN A 500 -7.12 -16.52 40.18
CA ASN A 500 -7.04 -16.37 38.73
C ASN A 500 -5.58 -16.39 38.29
N VAL A 501 -5.33 -16.46 36.99
CA VAL A 501 -3.96 -16.47 36.45
C VAL A 501 -3.79 -15.43 35.33
N HIS A 502 -2.90 -14.45 35.57
CA HIS A 502 -2.57 -13.43 34.58
C HIS A 502 -1.11 -13.53 34.13
N TYR A 503 -0.91 -13.90 32.87
CA TYR A 503 0.42 -13.92 32.27
C TYR A 503 0.58 -12.80 31.24
N LEU A 504 1.57 -11.94 31.49
CA LEU A 504 1.86 -10.80 30.63
C LEU A 504 2.73 -11.23 29.45
N ILE A 505 2.28 -10.89 28.25
CA ILE A 505 3.01 -11.24 27.02
C ILE A 505 3.21 -10.02 26.12
N TYR A 506 4.23 -10.09 25.27
CA TYR A 506 4.56 -8.99 24.36
C TYR A 506 5.12 -9.45 23.02
N SER A 507 5.03 -8.58 22.02
CA SER A 507 5.51 -8.88 20.67
C SER A 507 6.05 -7.65 19.97
N ALA A 508 7.16 -7.84 19.25
CA ALA A 508 7.72 -6.83 18.37
C ALA A 508 7.21 -7.07 16.94
N GLY A 509 6.33 -8.04 16.78
CA GLY A 509 5.78 -8.41 15.48
C GLY A 509 6.81 -9.03 14.57
N TRP A 510 7.84 -9.62 15.17
CA TRP A 510 9.05 -10.10 14.48
C TRP A 510 9.74 -8.97 13.70
CA CA B . -2.35 5.24 36.93
CA CA C . 4.22 -6.35 47.88
#